data_7HKR
#
_entry.id   7HKR
#
_cell.length_a   82.418
_cell.length_b   116.564
_cell.length_c   148.404
_cell.angle_alpha   90.00
_cell.angle_beta   90.00
_cell.angle_gamma   90.00
#
_symmetry.space_group_name_H-M   'I 2 2 2'
#
loop_
_entity.id
_entity.type
_entity.pdbx_description
1 polymer 'Genome polyprotein'
2 non-polymer 'ZINC ION'
3 non-polymer '2-(N-MORPHOLINO)-ETHANESULFONIC ACID'
4 non-polymer 'DIMETHYL SULFOXIDE'
5 non-polymer 'PHOSPHATE ION'
6 non-polymer DI(HYDROXYETHYL)ETHER
7 non-polymer (5R,8R)-6,7,8,9-tetrahydro-5H-5,8-epiminocyclohepta[d]pyrimidine
8 water water
#
_entity_poly.entity_id   1
_entity_poly.type   'polypeptide(L)'
_entity_poly.pdbx_seq_one_letter_code
;GPGIESETPNLDIIGKRIEKIKQEHETSWHYDQDHPYKTWAYHGSYETKQTGSASSMVNGVVRLLTKPWDIIPMVTQMAM
TDTTPFGQQRVFKEKVDTRTQEPKEGTKKLMKITAEWLWKELGKKKTPRMCTREEFTRKVRSNAALGAIFTDENKWKSAR
EAVEDSGFWELVDKERNLHLEGKCETCVYNMMGKREKKLGEFGKAKGSRAIWYMWLGARFLEFEALGFLNEDHWFSRENS
LSGVEGEGLHKLGYILRDVSKKEGGAMYADDTAGWDTRITLEDLKNEEMVTNHMEGEHKKLAEAIFKLTYQNKVVRVQRP
TPRGTVMDIISRRDQRGSGQVVTYGLNTFTNMEAQLIRQMEGEGVFKSIQHLTVTEEIAVKNWLVRVGRERLSRMAISGD
DCVVKPLDDRFASALTALNDMGKVRKDIQQWEPSRGWNDWTQVPFCSHHFHELIMKDGRVLVVPCRNQDELIGRARISQG
AGWSLRETACLGKSYAQMWSLMYFHRRDLRLAANAICSAVPSHWVPTSRTTWSIHATHEWMTTEDMLTVWNRVWIQENPW
MEDKTPVESWEEIPYLGKREDQWCGSLIGLTSRATWAKNIQTAINQVRSLIGNEEYTDYMPSMKRFRREEEEAGVLW
;
_entity_poly.pdbx_strand_id   A
#
loop_
_chem_comp.id
_chem_comp.type
_chem_comp.name
_chem_comp.formula
A1BDF non-polymer (5R,8R)-6,7,8,9-tetrahydro-5H-5,8-epiminocyclohepta[d]pyrimidine 'C9 H11 N3'
DMS non-polymer 'DIMETHYL SULFOXIDE' 'C2 H6 O S'
MES non-polymer '2-(N-MORPHOLINO)-ETHANESULFONIC ACID' 'C6 H13 N O4 S'
PEG non-polymer DI(HYDROXYETHYL)ETHER 'C4 H10 O3'
PO4 non-polymer 'PHOSPHATE ION' 'O4 P -3'
ZN non-polymer 'ZINC ION' 'Zn 2'
#
# COMPACT_ATOMS: atom_id res chain seq x y z
N ASN A 10 -25.05 -19.51 0.65
CA ASN A 10 -24.19 -20.69 0.36
C ASN A 10 -24.33 -21.04 -1.13
N LEU A 11 -24.49 -22.33 -1.47
CA LEU A 11 -24.06 -22.93 -2.77
C LEU A 11 -24.84 -22.36 -3.96
N ASP A 12 -25.97 -21.70 -3.72
CA ASP A 12 -26.77 -21.06 -4.78
C ASP A 12 -25.99 -19.90 -5.43
N ILE A 13 -25.18 -19.14 -4.68
CA ILE A 13 -24.44 -17.95 -5.20
C ILE A 13 -23.08 -18.38 -5.77
N ILE A 14 -22.47 -19.42 -5.20
CA ILE A 14 -21.09 -19.89 -5.58
C ILE A 14 -21.13 -21.15 -6.46
N GLY A 15 -22.25 -21.88 -6.51
CA GLY A 15 -22.38 -23.20 -7.17
C GLY A 15 -21.99 -23.15 -8.65
N LYS A 16 -22.53 -22.17 -9.37
CA LYS A 16 -22.30 -21.95 -10.82
C LYS A 16 -20.79 -21.92 -11.08
N ARG A 17 -20.08 -21.05 -10.35
CA ARG A 17 -18.59 -20.93 -10.41
C ARG A 17 -17.98 -22.31 -10.13
N ILE A 18 -18.47 -22.98 -9.09
CA ILE A 18 -17.96 -24.33 -8.67
C ILE A 18 -18.25 -25.32 -9.81
N GLU A 19 -19.51 -25.44 -10.22
CA GLU A 19 -19.97 -26.34 -11.31
C GLU A 19 -19.01 -26.22 -12.50
N LYS A 20 -18.78 -24.98 -12.98
CA LYS A 20 -17.98 -24.71 -14.20
C LYS A 20 -16.57 -25.30 -14.07
N ILE A 21 -15.94 -25.19 -12.89
CA ILE A 21 -14.53 -25.64 -12.66
C ILE A 21 -14.52 -27.18 -12.62
N LYS A 22 -15.48 -27.77 -11.90
CA LYS A 22 -15.74 -29.24 -11.86
C LYS A 22 -15.47 -29.85 -13.24
N GLN A 23 -16.00 -29.24 -14.31
CA GLN A 23 -16.04 -29.81 -15.69
C GLN A 23 -14.71 -29.66 -16.42
N GLU A 24 -14.07 -28.49 -16.40
CA GLU A 24 -12.79 -28.24 -17.11
C GLU A 24 -11.74 -29.26 -16.64
N HIS A 25 -11.96 -29.87 -15.46
CA HIS A 25 -11.09 -30.91 -14.86
C HIS A 25 -11.96 -32.12 -14.45
N GLU A 26 -12.82 -32.60 -15.37
CA GLU A 26 -13.74 -33.75 -15.20
C GLU A 26 -12.94 -35.04 -15.04
N THR A 27 -11.73 -35.09 -15.61
CA THR A 27 -10.81 -36.24 -15.56
C THR A 27 -10.11 -36.33 -14.18
N SER A 28 -10.26 -35.32 -13.30
CA SER A 28 -9.44 -35.16 -12.07
C SER A 28 -10.27 -34.94 -10.79
N TRP A 29 -11.59 -34.74 -10.86
CA TRP A 29 -12.41 -34.30 -9.69
C TRP A 29 -12.44 -35.41 -8.62
N HIS A 30 -12.29 -35.03 -7.35
CA HIS A 30 -12.29 -35.96 -6.19
C HIS A 30 -12.46 -35.19 -4.88
N TYR A 31 -13.51 -35.48 -4.10
CA TYR A 31 -13.70 -34.93 -2.73
C TYR A 31 -12.69 -35.59 -1.78
N ASP A 32 -11.47 -35.05 -1.72
CA ASP A 32 -10.38 -35.48 -0.79
C ASP A 32 -10.92 -35.47 0.65
N GLN A 33 -10.52 -36.48 1.44
CA GLN A 33 -10.94 -36.67 2.86
C GLN A 33 -9.82 -36.19 3.80
N ASP A 34 -8.60 -36.02 3.29
CA ASP A 34 -7.41 -35.51 4.04
C ASP A 34 -7.17 -34.03 3.71
N HIS A 35 -8.24 -33.24 3.53
CA HIS A 35 -8.16 -31.79 3.21
C HIS A 35 -7.81 -31.02 4.48
N PRO A 36 -6.83 -30.08 4.43
CA PRO A 36 -6.36 -29.38 5.62
C PRO A 36 -7.19 -28.18 6.12
N TYR A 37 -8.33 -27.86 5.48
CA TYR A 37 -9.13 -26.63 5.77
C TYR A 37 -10.03 -26.91 6.97
N LYS A 38 -10.14 -25.92 7.87
CA LYS A 38 -11.09 -25.92 9.01
C LYS A 38 -12.12 -24.79 8.88
N THR A 39 -11.69 -23.56 8.55
CA THR A 39 -12.57 -22.35 8.54
C THR A 39 -13.07 -22.05 7.12
N TRP A 40 -12.31 -22.40 6.09
CA TRP A 40 -12.75 -22.42 4.68
C TRP A 40 -13.61 -23.66 4.43
N ALA A 41 -14.83 -23.48 3.91
CA ALA A 41 -15.63 -24.52 3.25
C ALA A 41 -14.88 -25.03 2.02
N TYR A 42 -14.75 -26.35 1.91
CA TYR A 42 -13.96 -27.06 0.87
C TYR A 42 -14.95 -27.79 -0.04
N HIS A 43 -14.61 -27.87 -1.33
CA HIS A 43 -15.59 -28.42 -2.30
C HIS A 43 -15.01 -29.60 -3.08
N GLY A 44 -13.75 -29.51 -3.49
CA GLY A 44 -13.12 -30.58 -4.29
C GLY A 44 -11.72 -30.20 -4.73
N SER A 45 -11.08 -31.08 -5.53
CA SER A 45 -9.66 -30.95 -5.96
C SER A 45 -9.52 -31.38 -7.42
N TYR A 46 -8.37 -31.05 -8.04
CA TYR A 46 -8.01 -31.36 -9.45
C TYR A 46 -6.48 -31.20 -9.66
N GLU A 47 -5.96 -31.79 -10.74
CA GLU A 47 -4.50 -32.02 -11.00
C GLU A 47 -3.86 -30.78 -11.65
N THR A 48 -2.69 -30.37 -11.15
CA THR A 48 -1.81 -29.28 -11.68
C THR A 48 -0.37 -29.63 -11.31
N LYS A 49 0.62 -28.80 -11.70
CA LYS A 49 2.06 -29.06 -11.38
C LYS A 49 2.92 -27.83 -11.75
N GLN A 50 2.94 -26.81 -10.89
CA GLN A 50 3.70 -25.55 -11.11
C GLN A 50 3.94 -24.83 -9.77
N THR A 51 4.48 -23.61 -9.80
CA THR A 51 4.79 -22.78 -8.59
C THR A 51 3.49 -22.41 -7.87
N ALA A 54 8.81 -17.92 -8.08
CA ALA A 54 9.05 -16.48 -8.32
C ALA A 54 9.93 -15.90 -7.20
N SER A 55 11.19 -16.34 -7.12
CA SER A 55 12.20 -15.88 -6.13
C SER A 55 12.70 -14.48 -6.50
N SER A 56 13.32 -13.79 -5.54
CA SER A 56 13.93 -12.45 -5.71
C SER A 56 15.28 -12.59 -6.39
N MET A 57 15.54 -11.77 -7.43
CA MET A 57 16.83 -11.78 -8.17
C MET A 57 17.64 -10.56 -7.73
N VAL A 58 18.97 -10.59 -7.82
CA VAL A 58 19.82 -9.43 -7.43
C VAL A 58 19.99 -8.46 -8.60
N ASN A 59 19.85 -7.16 -8.37
CA ASN A 59 20.22 -6.09 -9.30
C ASN A 59 21.74 -5.84 -9.26
N GLY A 60 22.48 -6.27 -10.28
CA GLY A 60 23.95 -6.23 -10.33
C GLY A 60 24.50 -4.82 -10.41
N VAL A 61 23.77 -3.92 -11.07
CA VAL A 61 24.18 -2.50 -11.15
C VAL A 61 24.21 -1.92 -9.73
N VAL A 62 23.13 -2.04 -8.96
CA VAL A 62 23.08 -1.45 -7.59
C VAL A 62 24.11 -2.18 -6.69
N ARG A 63 24.23 -3.50 -6.77
CA ARG A 63 25.14 -4.23 -5.85
C ARG A 63 26.59 -3.84 -6.14
N LEU A 64 27.00 -3.70 -7.41
CA LEU A 64 28.41 -3.35 -7.72
C LEU A 64 28.71 -1.94 -7.19
N LEU A 65 27.71 -1.08 -7.03
CA LEU A 65 27.97 0.31 -6.55
C LEU A 65 27.69 0.46 -5.04
N THR A 66 27.41 -0.64 -4.34
CA THR A 66 27.18 -0.63 -2.87
C THR A 66 28.04 -1.73 -2.20
N LYS A 67 29.31 -1.79 -2.56
CA LYS A 67 30.19 -2.91 -2.10
C LYS A 67 30.25 -3.01 -0.57
N PRO A 68 30.37 -1.96 0.25
CA PRO A 68 30.49 -2.13 1.70
C PRO A 68 29.36 -2.99 2.28
N TRP A 69 28.18 -2.97 1.63
CA TRP A 69 26.97 -3.67 2.14
C TRP A 69 27.02 -5.16 1.77
N ASP A 70 28.01 -5.60 0.99
CA ASP A 70 28.17 -7.04 0.64
C ASP A 70 28.47 -7.90 1.90
N ILE A 71 28.91 -7.31 3.00
CA ILE A 71 29.26 -8.03 4.25
C ILE A 71 28.29 -7.67 5.39
N ILE A 72 27.14 -7.07 5.10
CA ILE A 72 26.13 -6.69 6.13
C ILE A 72 24.97 -7.65 6.00
N PRO A 73 24.81 -8.64 6.91
CA PRO A 73 23.76 -9.64 6.82
C PRO A 73 22.35 -9.05 6.70
N MET A 74 22.06 -7.92 7.35
CA MET A 74 20.69 -7.35 7.24
C MET A 74 20.40 -6.98 5.77
N VAL A 75 21.43 -6.64 4.98
CA VAL A 75 21.25 -6.36 3.53
C VAL A 75 21.23 -7.67 2.75
N THR A 76 22.24 -8.51 2.91
CA THR A 76 22.47 -9.68 2.03
C THR A 76 21.39 -10.74 2.24
N GLN A 77 20.85 -10.86 3.44
CA GLN A 77 19.81 -11.87 3.75
C GLN A 77 18.47 -11.52 3.10
N MET A 78 18.22 -10.23 2.82
CA MET A 78 16.94 -9.80 2.20
C MET A 78 16.76 -10.44 0.83
N ALA A 79 17.85 -10.76 0.12
CA ALA A 79 17.79 -11.28 -1.27
C ALA A 79 17.64 -12.81 -1.27
N MET A 80 17.69 -13.49 -0.11
CA MET A 80 17.66 -14.98 -0.08
C MET A 80 16.22 -15.52 0.01
N THR A 81 16.00 -16.74 -0.49
CA THR A 81 14.70 -17.45 -0.45
C THR A 81 14.21 -17.81 -1.84
N PHE A 92 1.75 -15.84 7.17
CA PHE A 92 1.23 -17.15 7.64
C PHE A 92 -0.01 -17.50 6.81
N LYS A 93 -0.05 -18.70 6.21
CA LYS A 93 -1.23 -19.26 5.49
C LYS A 93 -2.06 -20.10 6.49
N GLU A 94 -1.62 -20.12 7.76
CA GLU A 94 -2.36 -20.66 8.94
C GLU A 94 -2.82 -19.47 9.79
N LYS A 95 -3.02 -18.31 9.14
CA LYS A 95 -3.75 -17.12 9.65
C LYS A 95 -4.94 -16.81 8.72
N VAL A 96 -4.82 -17.11 7.43
CA VAL A 96 -5.97 -17.12 6.48
C VAL A 96 -6.97 -18.19 6.94
N ASP A 97 -6.48 -19.30 7.54
CA ASP A 97 -7.31 -20.40 8.09
C ASP A 97 -7.51 -20.17 9.61
N THR A 98 -8.06 -19.01 10.00
CA THR A 98 -8.63 -18.71 11.35
C THR A 98 -10.03 -18.09 11.15
N ARG A 99 -10.78 -17.88 12.25
CA ARG A 99 -12.17 -17.34 12.21
C ARG A 99 -12.30 -16.22 13.24
N THR A 100 -13.02 -15.15 12.88
CA THR A 100 -13.40 -14.02 13.79
C THR A 100 -14.82 -14.28 14.31
N GLN A 101 -15.09 -13.90 15.57
CA GLN A 101 -16.43 -14.01 16.20
C GLN A 101 -17.32 -12.85 15.73
N GLU A 102 -18.63 -13.05 15.76
CA GLU A 102 -19.65 -12.00 15.50
C GLU A 102 -19.54 -10.94 16.59
N PRO A 103 -19.41 -9.64 16.23
CA PRO A 103 -19.45 -8.57 17.22
C PRO A 103 -20.80 -8.58 17.95
N LYS A 104 -20.83 -8.06 19.17
CA LYS A 104 -22.05 -7.80 19.97
C LYS A 104 -22.96 -6.80 19.24
N GLU A 105 -24.19 -6.66 19.72
CA GLU A 105 -25.26 -5.84 19.11
C GLU A 105 -24.90 -4.35 19.19
N GLY A 106 -24.40 -3.91 20.35
CA GLY A 106 -23.91 -2.55 20.57
C GLY A 106 -22.79 -2.19 19.57
N THR A 107 -21.84 -3.10 19.35
CA THR A 107 -20.73 -2.89 18.39
C THR A 107 -21.30 -2.71 16.98
N LYS A 108 -22.08 -3.69 16.49
CA LYS A 108 -22.77 -3.66 15.17
C LYS A 108 -23.56 -2.34 14.98
N LYS A 109 -24.25 -1.86 15.98
CA LYS A 109 -24.99 -0.57 15.89
C LYS A 109 -23.99 0.60 15.70
N LEU A 110 -22.93 0.65 16.51
CA LEU A 110 -21.88 1.72 16.47
C LEU A 110 -21.28 1.78 15.05
N MET A 111 -20.93 0.64 14.50
CA MET A 111 -20.32 0.50 13.15
C MET A 111 -21.31 0.98 12.07
N LYS A 112 -22.60 0.60 12.17
CA LYS A 112 -23.62 0.91 11.13
C LYS A 112 -23.84 2.42 11.13
N ILE A 113 -24.01 3.04 12.31
CA ILE A 113 -24.20 4.51 12.42
C ILE A 113 -22.97 5.24 11.88
N THR A 114 -21.76 4.79 12.27
CA THR A 114 -20.50 5.46 11.87
C THR A 114 -20.30 5.33 10.35
N ALA A 115 -20.49 4.12 9.81
CA ALA A 115 -20.33 3.86 8.35
C ALA A 115 -21.30 4.73 7.55
N GLU A 116 -22.58 4.81 7.99
CA GLU A 116 -23.63 5.58 7.30
C GLU A 116 -23.14 7.04 7.24
N TRP A 117 -22.68 7.55 8.37
CA TRP A 117 -22.25 8.95 8.47
C TRP A 117 -20.98 9.16 7.60
N LEU A 118 -20.08 8.17 7.56
CA LEU A 118 -18.76 8.37 6.91
C LEU A 118 -18.94 8.42 5.37
N TRP A 119 -19.72 7.51 4.78
CA TRP A 119 -19.99 7.56 3.30
C TRP A 119 -20.63 8.90 2.91
N LYS A 120 -21.58 9.41 3.70
CA LYS A 120 -22.17 10.75 3.44
C LYS A 120 -21.07 11.80 3.47
N GLU A 121 -20.18 11.81 4.46
CA GLU A 121 -19.12 12.86 4.48
C GLU A 121 -18.24 12.72 3.24
N LEU A 122 -17.89 11.48 2.88
CA LEU A 122 -16.90 11.24 1.78
C LEU A 122 -17.59 11.63 0.46
N GLY A 123 -18.93 11.51 0.42
CA GLY A 123 -19.80 11.80 -0.74
C GLY A 123 -20.12 13.28 -0.92
N LYS A 124 -19.95 14.13 0.09
CA LYS A 124 -20.39 15.55 -0.03
C LYS A 124 -19.81 16.28 -1.26
N LYS A 125 -18.52 16.09 -1.55
CA LYS A 125 -17.78 16.81 -2.62
C LYS A 125 -17.28 15.84 -3.70
N LYS A 126 -17.90 14.66 -3.82
CA LYS A 126 -17.59 13.64 -4.86
C LYS A 126 -18.91 13.17 -5.47
N THR A 127 -18.82 12.46 -6.60
CA THR A 127 -19.97 11.86 -7.31
C THR A 127 -19.58 10.48 -7.81
N PRO A 128 -20.15 9.39 -7.25
CA PRO A 128 -19.83 8.05 -7.72
C PRO A 128 -20.13 7.90 -9.22
N ARG A 129 -19.36 7.08 -9.91
CA ARG A 129 -19.48 6.90 -11.38
C ARG A 129 -18.73 5.64 -11.78
N MET A 130 -19.06 5.08 -12.95
CA MET A 130 -18.38 3.88 -13.46
C MET A 130 -17.06 4.28 -14.11
N CYS A 131 -16.07 3.42 -14.00
CA CYS A 131 -14.79 3.54 -14.72
C CYS A 131 -14.93 2.82 -16.09
N THR A 132 -14.17 3.23 -17.09
CA THR A 132 -14.45 2.89 -18.51
C THR A 132 -13.48 1.83 -19.00
N ARG A 133 -13.90 1.06 -20.00
CA ARG A 133 -12.99 0.18 -20.82
C ARG A 133 -11.81 1.03 -21.25
N GLU A 134 -12.09 2.24 -21.74
CA GLU A 134 -11.06 3.20 -22.21
C GLU A 134 -10.07 3.43 -21.06
N GLU A 135 -10.55 3.75 -19.86
CA GLU A 135 -9.68 4.00 -18.67
C GLU A 135 -8.90 2.74 -18.30
N PHE A 136 -9.55 1.57 -18.29
CA PHE A 136 -8.94 0.26 -17.96
C PHE A 136 -7.83 -0.04 -18.97
N THR A 137 -8.16 0.03 -20.26
CA THR A 137 -7.21 -0.17 -21.39
C THR A 137 -5.97 0.70 -21.20
N ARG A 138 -6.13 1.98 -20.83
CA ARG A 138 -4.98 2.89 -20.70
C ARG A 138 -4.10 2.43 -19.53
N LYS A 139 -4.71 2.04 -18.40
CA LYS A 139 -3.96 1.57 -17.20
C LYS A 139 -3.09 0.37 -17.59
N VAL A 140 -3.65 -0.61 -18.30
CA VAL A 140 -2.94 -1.87 -18.68
C VAL A 140 -1.78 -1.51 -19.63
N ARG A 141 -1.97 -0.51 -20.50
CA ARG A 141 -0.98 -0.11 -21.54
C ARG A 141 0.11 0.80 -20.95
N SER A 142 0.18 0.95 -19.62
CA SER A 142 1.32 1.60 -18.91
C SER A 142 1.55 0.97 -17.54
N ASN A 143 1.30 -0.34 -17.42
CA ASN A 143 1.86 -1.25 -16.37
C ASN A 143 1.57 -0.74 -14.95
N ALA A 144 0.30 -0.79 -14.53
CA ALA A 144 -0.10 -0.80 -13.10
C ALA A 144 -0.41 -2.25 -12.73
N ALA A 145 0.10 -2.74 -11.59
CA ALA A 145 -0.15 -4.10 -11.08
C ALA A 145 -1.64 -4.23 -10.69
N LEU A 146 -2.44 -4.86 -11.55
CA LEU A 146 -3.90 -5.07 -11.34
C LEU A 146 -4.17 -6.54 -10.95
N GLY A 147 -3.11 -7.32 -10.69
CA GLY A 147 -3.18 -8.71 -10.19
C GLY A 147 -4.08 -9.60 -11.05
N ALA A 148 -3.76 -9.73 -12.35
CA ALA A 148 -4.45 -10.60 -13.33
C ALA A 148 -3.69 -11.93 -13.46
N ILE A 149 -4.11 -12.83 -14.37
CA ILE A 149 -3.45 -14.15 -14.63
C ILE A 149 -3.12 -14.29 -16.13
N PHE A 150 -2.36 -15.32 -16.50
CA PHE A 150 -1.95 -15.66 -17.90
C PHE A 150 -3.17 -15.58 -18.82
N ASN A 154 -5.66 -20.58 -19.93
CA ASN A 154 -5.40 -19.21 -20.48
C ASN A 154 -5.86 -19.17 -21.95
N LYS A 155 -5.56 -18.08 -22.66
CA LYS A 155 -6.15 -17.78 -24.00
C LYS A 155 -5.32 -16.69 -24.72
N TRP A 156 -4.99 -15.58 -24.04
CA TRP A 156 -4.05 -14.51 -24.48
C TRP A 156 -2.79 -14.54 -23.60
N LYS A 157 -1.65 -14.09 -24.14
CA LYS A 157 -0.36 -14.08 -23.40
C LYS A 157 -0.47 -13.14 -22.18
N SER A 158 -0.38 -11.83 -22.42
CA SER A 158 -0.36 -10.75 -21.39
C SER A 158 -1.73 -10.05 -21.35
N ALA A 159 -1.87 -9.12 -20.40
CA ALA A 159 -3.05 -8.22 -20.27
C ALA A 159 -3.11 -7.28 -21.48
N ARG A 160 -1.95 -6.74 -21.88
CA ARG A 160 -1.77 -5.85 -23.06
C ARG A 160 -2.52 -6.42 -24.28
N GLU A 161 -2.47 -7.74 -24.53
CA GLU A 161 -3.03 -8.40 -25.74
C GLU A 161 -4.54 -8.61 -25.62
N ALA A 162 -5.02 -9.06 -24.46
CA ALA A 162 -6.44 -9.39 -24.20
C ALA A 162 -7.33 -8.16 -24.45
N VAL A 163 -6.82 -6.99 -24.10
CA VAL A 163 -7.57 -5.69 -24.07
C VAL A 163 -7.79 -5.20 -25.50
N GLU A 164 -6.94 -5.61 -26.45
CA GLU A 164 -7.03 -5.20 -27.88
C GLU A 164 -7.95 -6.17 -28.65
N ASP A 165 -8.15 -7.39 -28.13
CA ASP A 165 -9.02 -8.43 -28.74
C ASP A 165 -10.46 -8.31 -28.23
N SER A 166 -11.43 -8.28 -29.16
CA SER A 166 -12.87 -8.00 -28.90
C SER A 166 -13.58 -9.26 -28.38
N GLY A 167 -12.97 -10.44 -28.49
CA GLY A 167 -13.49 -11.70 -27.93
C GLY A 167 -13.52 -11.62 -26.41
N PHE A 168 -12.39 -11.22 -25.81
CA PHE A 168 -12.26 -10.84 -24.39
C PHE A 168 -13.49 -10.04 -23.96
N TRP A 169 -13.73 -8.89 -24.60
CA TRP A 169 -14.80 -7.94 -24.20
C TRP A 169 -16.17 -8.63 -24.32
N GLU A 170 -16.31 -9.70 -25.12
CA GLU A 170 -17.57 -10.49 -25.20
C GLU A 170 -17.65 -11.40 -23.98
N LEU A 171 -16.51 -11.91 -23.51
CA LEU A 171 -16.43 -12.71 -22.25
C LEU A 171 -16.85 -11.79 -21.10
N VAL A 172 -16.21 -10.61 -21.03
CA VAL A 172 -16.54 -9.49 -20.10
C VAL A 172 -18.04 -9.19 -20.20
N ASP A 173 -18.56 -9.01 -21.42
CA ASP A 173 -20.00 -8.75 -21.67
C ASP A 173 -20.85 -9.88 -21.07
N LYS A 174 -20.52 -11.14 -21.34
CA LYS A 174 -21.35 -12.28 -20.84
C LYS A 174 -21.46 -12.15 -19.31
N GLU A 175 -20.32 -12.02 -18.63
CA GLU A 175 -20.25 -11.93 -17.15
C GLU A 175 -21.06 -10.72 -16.69
N ARG A 176 -20.84 -9.56 -17.33
CA ARG A 176 -21.49 -8.27 -16.98
C ARG A 176 -23.01 -8.49 -16.92
N ASN A 177 -23.59 -9.15 -17.93
CA ASN A 177 -25.07 -9.39 -18.01
C ASN A 177 -25.47 -10.43 -16.97
N LEU A 178 -24.59 -11.40 -16.67
CA LEU A 178 -24.78 -12.37 -15.56
C LEU A 178 -24.88 -11.63 -14.21
N HIS A 179 -24.04 -10.62 -13.97
CA HIS A 179 -24.06 -9.80 -12.72
C HIS A 179 -25.37 -8.99 -12.60
N LEU A 180 -25.83 -8.33 -13.68
CA LEU A 180 -27.12 -7.59 -13.72
C LEU A 180 -28.28 -8.57 -13.41
N GLU A 181 -28.09 -9.85 -13.73
CA GLU A 181 -29.04 -10.96 -13.41
C GLU A 181 -28.85 -11.42 -11.96
N GLY A 182 -27.84 -10.91 -11.24
CA GLY A 182 -27.56 -11.25 -9.84
C GLY A 182 -26.84 -12.58 -9.66
N LYS A 183 -26.11 -13.05 -10.68
CA LYS A 183 -25.42 -14.37 -10.75
C LYS A 183 -23.98 -14.19 -11.22
N CYS A 184 -23.09 -15.17 -10.98
CA CYS A 184 -21.64 -15.10 -11.29
C CYS A 184 -21.14 -16.45 -11.83
N GLU A 185 -20.29 -16.45 -12.85
CA GLU A 185 -19.77 -17.72 -13.44
C GLU A 185 -18.24 -17.80 -13.38
N THR A 186 -17.52 -16.67 -13.53
CA THR A 186 -16.06 -16.70 -13.78
C THR A 186 -15.27 -15.87 -12.77
N CYS A 187 -15.88 -15.16 -11.82
CA CYS A 187 -15.16 -14.32 -10.82
C CYS A 187 -14.65 -15.17 -9.65
N VAL A 188 -13.49 -15.82 -9.86
CA VAL A 188 -12.85 -16.80 -8.94
C VAL A 188 -11.44 -16.35 -8.56
N TYR A 189 -11.10 -16.39 -7.28
CA TYR A 189 -9.78 -15.95 -6.76
C TYR A 189 -8.77 -17.10 -6.91
N ASN A 190 -7.50 -16.74 -7.12
CA ASN A 190 -6.31 -17.63 -7.13
C ASN A 190 -5.33 -17.15 -6.05
N MET A 191 -5.08 -17.97 -5.03
CA MET A 191 -4.27 -17.62 -3.83
C MET A 191 -2.79 -17.85 -4.14
N MET A 192 -1.90 -17.00 -3.59
CA MET A 192 -0.42 -17.13 -3.70
C MET A 192 0.27 -16.24 -2.65
N SER A 208 3.14 -12.52 6.81
CA SER A 208 1.77 -11.94 6.84
C SER A 208 1.45 -11.27 5.50
N ARG A 209 1.50 -12.04 4.41
CA ARG A 209 1.08 -11.63 3.04
C ARG A 209 0.30 -12.78 2.38
N ALA A 210 -0.71 -12.45 1.57
CA ALA A 210 -1.53 -13.39 0.78
C ALA A 210 -2.27 -12.61 -0.32
N ILE A 211 -1.90 -12.84 -1.59
CA ILE A 211 -2.33 -12.02 -2.76
C ILE A 211 -3.27 -12.86 -3.64
N TRP A 212 -4.46 -12.33 -3.92
CA TRP A 212 -5.56 -13.04 -4.60
C TRP A 212 -5.68 -12.50 -6.02
N TYR A 213 -4.95 -13.09 -6.98
CA TYR A 213 -5.06 -12.80 -8.43
C TYR A 213 -6.41 -13.27 -8.95
N MET A 214 -7.00 -12.53 -9.89
CA MET A 214 -8.23 -12.90 -10.65
C MET A 214 -7.89 -12.83 -12.14
N TRP A 215 -8.73 -13.36 -13.02
CA TRP A 215 -8.55 -13.15 -14.48
C TRP A 215 -8.91 -11.69 -14.83
N LEU A 216 -8.26 -11.14 -15.85
CA LEU A 216 -8.35 -9.70 -16.22
C LEU A 216 -9.82 -9.28 -16.31
N GLY A 217 -10.70 -10.17 -16.76
CA GLY A 217 -12.14 -9.90 -16.94
C GLY A 217 -12.83 -9.53 -15.65
N ALA A 218 -12.65 -10.35 -14.60
CA ALA A 218 -13.19 -10.13 -13.24
C ALA A 218 -12.60 -8.82 -12.68
N ARG A 219 -11.32 -8.56 -12.93
CA ARG A 219 -10.61 -7.33 -12.50
C ARG A 219 -11.27 -6.13 -13.16
N PHE A 220 -11.62 -6.24 -14.44
CA PHE A 220 -12.26 -5.13 -15.18
C PHE A 220 -13.54 -4.74 -14.47
N LEU A 221 -14.41 -5.72 -14.23
CA LEU A 221 -15.76 -5.54 -13.64
C LEU A 221 -15.66 -4.97 -12.21
N GLU A 222 -14.65 -5.41 -11.44
CA GLU A 222 -14.36 -4.78 -10.13
C GLU A 222 -14.03 -3.29 -10.38
N PHE A 223 -13.17 -2.99 -11.36
CA PHE A 223 -12.65 -1.62 -11.61
C PHE A 223 -13.79 -0.72 -12.10
N GLU A 224 -14.65 -1.26 -12.96
CA GLU A 224 -15.82 -0.54 -13.53
C GLU A 224 -16.73 -0.04 -12.41
N ALA A 225 -16.93 -0.86 -11.37
CA ALA A 225 -17.93 -0.60 -10.33
C ALA A 225 -17.34 0.19 -9.17
N LEU A 226 -16.05 -0.01 -8.84
CA LEU A 226 -15.49 0.50 -7.55
C LEU A 226 -14.20 1.28 -7.78
N GLY A 227 -13.74 1.40 -9.03
CA GLY A 227 -12.49 2.09 -9.38
C GLY A 227 -12.54 3.57 -9.04
N PHE A 228 -13.73 4.13 -9.05
CA PHE A 228 -13.97 5.57 -8.74
C PHE A 228 -13.38 5.95 -7.37
N LEU A 229 -13.37 5.05 -6.40
CA LEU A 229 -12.82 5.33 -5.04
C LEU A 229 -11.37 5.80 -5.15
N ASN A 230 -10.57 5.12 -5.96
CA ASN A 230 -9.15 5.49 -6.22
C ASN A 230 -9.04 6.53 -7.34
N GLU A 231 -9.70 6.31 -8.48
CA GLU A 231 -9.55 7.18 -9.67
C GLU A 231 -9.94 8.62 -9.32
N ASP A 232 -10.95 8.82 -8.44
CA ASP A 232 -11.49 10.16 -8.09
C ASP A 232 -11.12 10.55 -6.65
N HIS A 233 -10.15 9.85 -6.05
CA HIS A 233 -9.42 10.33 -4.84
C HIS A 233 -10.36 10.51 -3.65
N TRP A 234 -11.22 9.55 -3.38
CA TRP A 234 -12.18 9.61 -2.24
C TRP A 234 -11.41 9.69 -0.89
N PHE A 235 -10.21 9.13 -0.84
CA PHE A 235 -9.37 9.04 0.38
C PHE A 235 -8.20 10.03 0.34
N SER A 236 -8.24 11.04 -0.53
CA SER A 236 -7.34 12.22 -0.40
C SER A 236 -7.50 12.81 0.99
N ARG A 237 -6.51 13.52 1.51
CA ARG A 237 -6.64 14.23 2.81
C ARG A 237 -7.70 15.35 2.69
N GLU A 238 -7.77 16.04 1.55
CA GLU A 238 -8.76 17.14 1.34
C GLU A 238 -10.16 16.55 1.48
N ASN A 239 -10.40 15.40 0.90
CA ASN A 239 -11.76 14.84 0.87
C ASN A 239 -12.13 14.11 2.17
N SER A 240 -11.23 13.31 2.75
CA SER A 240 -11.56 12.32 3.83
C SER A 240 -11.07 12.77 5.22
N LEU A 241 -10.20 13.78 5.28
CA LEU A 241 -9.59 14.44 6.48
C LEU A 241 -8.56 13.52 7.18
N SER A 242 -8.84 12.22 7.25
CA SER A 242 -7.93 11.21 7.87
C SER A 242 -7.01 10.63 6.81
N GLY A 243 -7.47 10.55 5.56
CA GLY A 243 -6.76 9.85 4.47
C GLY A 243 -5.49 10.55 4.06
N VAL A 244 -4.62 9.82 3.37
CA VAL A 244 -3.37 10.33 2.76
C VAL A 244 -3.23 9.79 1.33
N GLU A 245 -4.32 9.35 0.68
CA GLU A 245 -4.20 8.78 -0.69
C GLU A 245 -3.64 9.84 -1.65
N GLY A 246 -2.58 9.50 -2.36
CA GLY A 246 -1.95 10.40 -3.36
C GLY A 246 -1.04 11.43 -2.72
N GLU A 247 -0.76 11.34 -1.42
CA GLU A 247 -0.13 12.50 -0.73
C GLU A 247 1.35 12.50 -1.07
N GLY A 248 2.01 11.33 -1.11
CA GLY A 248 3.47 11.30 -1.36
C GLY A 248 4.29 11.29 -0.06
N LEU A 249 5.42 10.57 -0.07
N LEU A 249 5.40 10.54 -0.05
CA LEU A 249 6.26 10.33 1.12
CA LEU A 249 6.28 10.35 1.14
C LEU A 249 6.81 11.66 1.64
C LEU A 249 6.74 11.70 1.66
N HIS A 250 7.02 12.63 0.75
CA HIS A 250 7.52 14.01 1.05
C HIS A 250 6.47 14.85 1.80
N LYS A 251 5.21 14.38 1.86
CA LYS A 251 4.11 15.11 2.53
C LYS A 251 3.80 14.47 3.89
N LEU A 252 4.08 13.18 4.06
CA LEU A 252 3.55 12.41 5.22
C LEU A 252 4.09 12.97 6.54
N GLY A 253 5.36 13.36 6.56
CA GLY A 253 5.96 13.92 7.78
C GLY A 253 5.32 15.26 8.14
N TYR A 254 5.07 16.12 7.14
CA TYR A 254 4.40 17.42 7.36
C TYR A 254 2.97 17.17 7.89
N ILE A 255 2.30 16.16 7.38
CA ILE A 255 0.94 15.80 7.83
C ILE A 255 1.00 15.34 9.31
N LEU A 256 1.93 14.47 9.70
CA LEU A 256 2.05 14.05 11.12
C LEU A 256 2.40 15.24 12.02
N ARG A 257 3.27 16.16 11.59
CA ARG A 257 3.60 17.37 12.39
C ARG A 257 2.32 18.21 12.55
N ASP A 258 1.44 18.29 11.55
CA ASP A 258 0.18 19.10 11.66
C ASP A 258 -0.78 18.45 12.69
N VAL A 259 -0.90 17.12 12.70
CA VAL A 259 -1.67 16.37 13.71
C VAL A 259 -1.07 16.65 15.11
N SER A 260 0.26 16.68 15.24
CA SER A 260 0.94 16.90 16.54
C SER A 260 0.57 18.27 17.12
N LYS A 261 0.16 19.23 16.29
CA LYS A 261 -0.11 20.63 16.73
C LYS A 261 -1.46 20.73 17.44
N LYS A 262 -2.34 19.75 17.24
CA LYS A 262 -3.64 19.69 17.92
C LYS A 262 -3.41 19.52 19.43
N GLU A 263 -4.26 20.10 20.25
CA GLU A 263 -4.28 19.79 21.70
C GLU A 263 -4.75 18.34 21.84
N GLY A 264 -4.12 17.56 22.70
CA GLY A 264 -4.64 16.25 23.11
C GLY A 264 -3.57 15.40 23.73
N GLY A 265 -3.72 14.08 23.69
CA GLY A 265 -2.81 13.18 24.41
C GLY A 265 -1.63 12.76 23.53
N ALA A 266 -1.10 11.56 23.79
CA ALA A 266 0.00 10.95 23.04
C ALA A 266 -0.46 10.69 21.59
N MET A 267 0.48 10.41 20.69
CA MET A 267 0.15 9.88 19.35
C MET A 267 0.20 8.35 19.40
N TYR A 268 -0.89 7.69 19.05
CA TYR A 268 -1.04 6.22 19.05
C TYR A 268 -0.89 5.71 17.63
N ALA A 269 -0.12 4.64 17.50
CA ALA A 269 0.13 4.02 16.19
C ALA A 269 0.09 2.52 16.38
N ASP A 270 -1.07 1.99 16.71
CA ASP A 270 -1.19 0.54 17.01
C ASP A 270 -1.36 -0.21 15.69
N ASP A 271 -0.51 -1.18 15.39
CA ASP A 271 -0.68 -2.08 14.22
C ASP A 271 -1.70 -3.16 14.56
N THR A 272 -2.55 -3.54 13.61
CA THR A 272 -3.46 -4.69 13.73
C THR A 272 -2.70 -5.95 13.32
N ALA A 273 -2.92 -7.06 14.03
CA ALA A 273 -2.43 -8.40 13.64
C ALA A 273 -3.29 -8.95 12.48
N GLY A 274 -2.72 -9.04 11.28
CA GLY A 274 -3.35 -9.58 10.06
C GLY A 274 -4.69 -8.92 9.74
N TRP A 275 -4.66 -7.61 9.48
CA TRP A 275 -5.89 -6.81 9.23
C TRP A 275 -6.85 -7.50 8.25
N ASP A 276 -6.36 -7.93 7.09
CA ASP A 276 -7.20 -8.50 5.99
C ASP A 276 -8.00 -9.71 6.52
N THR A 277 -7.43 -10.48 7.46
CA THR A 277 -8.08 -11.71 8.00
C THR A 277 -9.11 -11.36 9.08
N ARG A 278 -9.14 -10.11 9.59
CA ARG A 278 -10.04 -9.68 10.68
C ARG A 278 -11.21 -8.87 10.12
N ILE A 279 -11.32 -8.76 8.80
CA ILE A 279 -12.48 -8.08 8.17
C ILE A 279 -13.70 -9.00 8.33
N THR A 280 -14.73 -8.55 9.05
CA THR A 280 -15.92 -9.37 9.36
C THR A 280 -16.94 -9.23 8.23
N LEU A 281 -17.96 -10.08 8.22
CA LEU A 281 -19.08 -9.93 7.27
C LEU A 281 -19.80 -8.63 7.62
N GLU A 282 -19.80 -8.18 8.88
CA GLU A 282 -20.46 -6.91 9.26
C GLU A 282 -19.69 -5.72 8.65
N ASP A 283 -18.35 -5.82 8.63
CA ASP A 283 -17.47 -4.84 7.92
C ASP A 283 -17.85 -4.79 6.41
N LEU A 284 -17.91 -5.94 5.73
CA LEU A 284 -18.24 -6.02 4.27
C LEU A 284 -19.62 -5.40 3.97
N LYS A 285 -20.57 -5.49 4.90
CA LYS A 285 -21.95 -4.96 4.78
C LYS A 285 -21.94 -3.45 5.00
N ASN A 286 -21.12 -2.94 5.91
CA ASN A 286 -21.01 -1.47 6.08
C ASN A 286 -20.28 -0.86 4.88
N GLU A 287 -19.28 -1.55 4.32
CA GLU A 287 -18.55 -1.07 3.12
C GLU A 287 -19.54 -0.97 1.93
N GLU A 288 -20.40 -1.98 1.77
N GLU A 288 -20.40 -1.98 1.78
CA GLU A 288 -21.39 -2.09 0.67
CA GLU A 288 -21.41 -2.10 0.69
C GLU A 288 -22.34 -0.87 0.65
C GLU A 288 -22.36 -0.89 0.66
N MET A 289 -22.52 -0.19 1.79
CA MET A 289 -23.44 0.99 1.87
C MET A 289 -22.99 2.14 0.96
N VAL A 290 -21.78 2.11 0.39
CA VAL A 290 -21.41 3.10 -0.64
C VAL A 290 -22.42 3.02 -1.81
N THR A 291 -22.96 1.81 -2.11
CA THR A 291 -24.00 1.61 -3.18
C THR A 291 -25.26 2.45 -2.93
N ASN A 292 -25.54 2.83 -1.68
CA ASN A 292 -26.69 3.72 -1.34
C ASN A 292 -26.54 5.10 -2.00
N HIS A 293 -25.34 5.46 -2.48
CA HIS A 293 -25.05 6.79 -3.07
C HIS A 293 -25.00 6.71 -4.60
N MET A 294 -25.26 5.53 -5.13
CA MET A 294 -25.17 5.22 -6.57
C MET A 294 -26.58 5.22 -7.19
N GLU A 295 -26.68 5.07 -8.50
CA GLU A 295 -27.99 5.01 -9.20
C GLU A 295 -27.86 4.17 -10.46
N GLY A 296 -29.01 3.79 -11.02
CA GLY A 296 -29.12 3.10 -12.30
C GLY A 296 -28.29 1.83 -12.32
N GLU A 297 -27.67 1.59 -13.49
CA GLU A 297 -26.77 0.46 -13.83
C GLU A 297 -25.64 0.35 -12.81
N HIS A 298 -24.92 1.45 -12.55
CA HIS A 298 -23.75 1.49 -11.64
C HIS A 298 -24.13 0.83 -10.32
N LYS A 299 -25.23 1.27 -9.71
CA LYS A 299 -25.71 0.74 -8.42
C LYS A 299 -25.80 -0.78 -8.53
N LYS A 300 -26.33 -1.30 -9.64
CA LYS A 300 -26.59 -2.76 -9.82
C LYS A 300 -25.26 -3.48 -9.99
N LEU A 301 -24.36 -2.93 -10.81
CA LEU A 301 -23.03 -3.55 -11.05
C LEU A 301 -22.21 -3.59 -9.73
N ALA A 302 -22.30 -2.56 -8.88
CA ALA A 302 -21.53 -2.41 -7.62
C ALA A 302 -22.10 -3.38 -6.57
N GLU A 303 -23.42 -3.50 -6.53
CA GLU A 303 -24.14 -4.42 -5.61
C GLU A 303 -23.73 -5.87 -5.90
N ALA A 304 -23.53 -6.20 -7.16
CA ALA A 304 -23.12 -7.54 -7.62
C ALA A 304 -21.68 -7.80 -7.18
N ILE A 305 -20.76 -6.84 -7.36
CA ILE A 305 -19.36 -7.03 -6.92
C ILE A 305 -19.38 -7.39 -5.42
N PHE A 306 -20.06 -6.59 -4.58
CA PHE A 306 -20.06 -6.75 -3.10
C PHE A 306 -20.69 -8.10 -2.72
N LYS A 307 -21.90 -8.38 -3.22
CA LYS A 307 -22.71 -9.60 -2.92
C LYS A 307 -21.99 -10.86 -3.43
N LEU A 308 -21.55 -10.86 -4.69
CA LEU A 308 -21.19 -12.12 -5.38
C LEU A 308 -19.70 -12.44 -5.26
N THR A 309 -18.84 -11.43 -5.11
CA THR A 309 -17.36 -11.64 -5.13
C THR A 309 -16.73 -11.30 -3.76
N TYR A 310 -17.30 -10.41 -2.96
CA TYR A 310 -16.66 -9.96 -1.69
C TYR A 310 -17.30 -10.68 -0.51
N GLN A 311 -18.64 -10.73 -0.44
CA GLN A 311 -19.41 -11.34 0.68
C GLN A 311 -19.65 -12.85 0.43
N ASN A 312 -19.32 -13.33 -0.77
CA ASN A 312 -19.17 -14.76 -1.12
C ASN A 312 -17.94 -14.86 -2.01
N LYS A 313 -17.02 -15.77 -1.73
CA LYS A 313 -15.75 -15.89 -2.50
C LYS A 313 -15.54 -17.34 -2.86
N VAL A 314 -14.90 -17.57 -4.01
CA VAL A 314 -14.45 -18.89 -4.51
C VAL A 314 -12.98 -18.74 -4.81
N VAL A 315 -12.15 -19.66 -4.30
CA VAL A 315 -10.67 -19.52 -4.37
C VAL A 315 -10.06 -20.85 -4.81
N ARG A 316 -8.96 -20.79 -5.54
CA ARG A 316 -8.16 -21.97 -5.94
C ARG A 316 -6.75 -21.83 -5.33
N VAL A 317 -6.30 -22.85 -4.61
CA VAL A 317 -5.06 -22.83 -3.80
C VAL A 317 -4.18 -24.03 -4.19
N GLN A 318 -2.89 -23.79 -4.42
CA GLN A 318 -1.83 -24.81 -4.64
C GLN A 318 -1.59 -25.59 -3.35
N ARG A 319 -1.74 -26.92 -3.39
CA ARG A 319 -1.38 -27.84 -2.27
C ARG A 319 -0.34 -28.86 -2.74
N PRO A 320 0.87 -28.91 -2.14
CA PRO A 320 1.93 -29.83 -2.56
C PRO A 320 1.62 -31.34 -2.47
N THR A 321 0.71 -31.72 -1.57
CA THR A 321 0.32 -33.14 -1.29
C THR A 321 -0.11 -33.83 -2.59
N THR A 325 0.99 -32.40 -6.32
CA THR A 325 0.43 -31.01 -6.33
C THR A 325 -0.98 -31.05 -6.91
N VAL A 326 -1.99 -30.65 -6.12
CA VAL A 326 -3.40 -30.48 -6.58
C VAL A 326 -3.80 -29.01 -6.44
N MET A 327 -5.00 -28.67 -6.94
CA MET A 327 -5.67 -27.35 -6.76
C MET A 327 -6.94 -27.56 -5.93
N ASP A 328 -7.07 -26.86 -4.81
CA ASP A 328 -8.25 -26.93 -3.89
C ASP A 328 -9.19 -25.78 -4.21
N ILE A 329 -10.49 -26.09 -4.31
CA ILE A 329 -11.58 -25.11 -4.57
C ILE A 329 -12.32 -24.92 -3.26
N ILE A 330 -11.99 -23.83 -2.58
CA ILE A 330 -12.49 -23.48 -1.22
C ILE A 330 -13.29 -22.19 -1.31
N SER A 331 -14.23 -21.99 -0.40
CA SER A 331 -15.10 -20.79 -0.32
C SER A 331 -15.16 -20.28 1.12
N ARG A 332 -15.45 -18.99 1.30
CA ARG A 332 -15.78 -18.37 2.62
C ARG A 332 -16.45 -17.03 2.39
N ARG A 333 -17.15 -16.54 3.40
CA ARG A 333 -18.03 -15.35 3.26
C ARG A 333 -17.26 -14.07 3.65
N ASP A 334 -16.34 -14.15 4.62
CA ASP A 334 -15.71 -12.96 5.26
C ASP A 334 -14.22 -12.88 4.88
N GLN A 335 -13.47 -12.00 5.56
CA GLN A 335 -12.08 -11.59 5.24
C GLN A 335 -12.05 -10.74 3.98
N ARG A 336 -10.93 -10.04 3.80
CA ARG A 336 -10.62 -9.21 2.61
C ARG A 336 -9.94 -10.09 1.57
N GLY A 337 -10.52 -10.05 0.37
CA GLY A 337 -10.02 -10.60 -0.88
C GLY A 337 -10.68 -9.84 -2.00
N SER A 338 -10.04 -8.74 -2.40
CA SER A 338 -10.44 -7.84 -3.51
C SER A 338 -9.15 -7.53 -4.26
N GLY A 339 -9.23 -6.82 -5.38
CA GLY A 339 -8.05 -6.18 -5.97
C GLY A 339 -7.32 -5.35 -4.93
N GLN A 340 -6.00 -5.25 -5.04
CA GLN A 340 -5.12 -4.52 -4.10
C GLN A 340 -5.59 -3.05 -4.00
N VAL A 341 -6.01 -2.41 -5.08
CA VAL A 341 -6.35 -0.95 -5.06
C VAL A 341 -7.70 -0.73 -4.38
N VAL A 342 -8.73 -1.53 -4.71
CA VAL A 342 -10.01 -1.46 -3.95
C VAL A 342 -9.76 -1.88 -2.48
N THR A 343 -8.94 -2.90 -2.24
CA THR A 343 -8.56 -3.29 -0.85
C THR A 343 -8.01 -2.07 -0.08
N TYR A 344 -7.14 -1.27 -0.69
CA TYR A 344 -6.54 -0.10 -0.01
C TYR A 344 -7.68 0.82 0.45
N GLY A 345 -8.62 1.15 -0.45
CA GLY A 345 -9.66 2.17 -0.17
C GLY A 345 -10.62 1.69 0.90
N LEU A 346 -11.04 0.43 0.85
CA LEU A 346 -12.00 -0.12 1.81
C LEU A 346 -11.32 -0.37 3.17
N ASN A 347 -10.05 -0.79 3.18
CA ASN A 347 -9.24 -0.83 4.43
C ASN A 347 -9.20 0.57 5.04
N THR A 348 -8.88 1.61 4.26
CA THR A 348 -8.84 2.99 4.80
C THR A 348 -10.21 3.33 5.42
N PHE A 349 -11.31 3.03 4.73
CA PHE A 349 -12.69 3.36 5.18
C PHE A 349 -12.97 2.72 6.54
N THR A 350 -12.75 1.41 6.65
CA THR A 350 -13.16 0.61 7.82
C THR A 350 -12.20 0.94 8.98
N ASN A 351 -10.95 1.28 8.66
CA ASN A 351 -9.96 1.71 9.68
C ASN A 351 -10.40 3.09 10.20
N MET A 352 -10.83 4.00 9.32
CA MET A 352 -11.30 5.33 9.78
C MET A 352 -12.49 5.12 10.73
N GLU A 353 -13.37 4.18 10.40
CA GLU A 353 -14.60 3.90 11.19
C GLU A 353 -14.20 3.35 12.58
N ALA A 354 -13.38 2.30 12.59
CA ALA A 354 -12.86 1.66 13.81
C ALA A 354 -12.20 2.69 14.70
N GLN A 355 -11.34 3.56 14.15
CA GLN A 355 -10.61 4.53 14.99
C GLN A 355 -11.54 5.63 15.53
N LEU A 356 -12.58 6.05 14.81
CA LEU A 356 -13.57 7.04 15.35
C LEU A 356 -14.32 6.40 16.53
N ILE A 357 -14.65 5.13 16.41
CA ILE A 357 -15.39 4.40 17.49
C ILE A 357 -14.43 4.26 18.70
N ARG A 358 -13.15 3.93 18.49
CA ARG A 358 -12.22 3.87 19.62
C ARG A 358 -12.15 5.25 20.26
N GLN A 359 -12.07 6.31 19.48
CA GLN A 359 -12.13 7.69 20.01
C GLN A 359 -13.46 7.86 20.81
N MET A 360 -14.61 7.40 20.30
CA MET A 360 -15.89 7.59 21.03
C MET A 360 -15.79 6.88 22.39
N GLU A 361 -15.26 5.65 22.41
CA GLU A 361 -15.10 4.88 23.66
C GLU A 361 -14.24 5.66 24.66
N GLY A 362 -13.13 6.24 24.22
CA GLY A 362 -12.25 6.98 25.15
C GLY A 362 -12.97 8.19 25.74
N GLU A 363 -13.81 8.82 24.94
CA GLU A 363 -14.49 10.08 25.35
C GLU A 363 -15.77 9.75 26.13
N GLY A 364 -16.11 8.49 26.33
CA GLY A 364 -17.29 8.12 27.14
C GLY A 364 -18.61 8.32 26.43
N VAL A 365 -18.65 8.29 25.08
CA VAL A 365 -19.88 8.60 24.30
C VAL A 365 -20.88 7.46 24.51
N PHE A 366 -20.38 6.24 24.66
CA PHE A 366 -21.17 5.03 25.01
C PHE A 366 -20.44 4.27 26.13
N LYS A 367 -21.18 3.48 26.90
CA LYS A 367 -20.71 2.91 28.20
C LYS A 367 -20.36 1.44 27.98
N SER A 368 -21.07 0.73 27.11
CA SER A 368 -20.88 -0.72 26.88
C SER A 368 -21.27 -1.13 25.46
N ILE A 369 -20.58 -2.15 24.95
CA ILE A 369 -20.68 -2.67 23.55
C ILE A 369 -21.77 -3.74 23.49
N GLN A 370 -22.26 -4.17 24.66
CA GLN A 370 -23.31 -5.22 24.74
C GLN A 370 -24.56 -4.69 24.03
N HIS A 371 -24.86 -3.40 24.21
CA HIS A 371 -26.16 -2.81 23.84
C HIS A 371 -26.05 -1.29 23.87
N LEU A 372 -26.37 -0.66 22.74
CA LEU A 372 -26.56 0.80 22.62
C LEU A 372 -28.03 1.09 22.95
N THR A 373 -28.25 1.92 23.96
CA THR A 373 -29.59 2.38 24.38
C THR A 373 -30.10 3.35 23.32
N VAL A 374 -31.35 3.79 23.43
CA VAL A 374 -31.97 4.73 22.45
C VAL A 374 -31.21 6.06 22.52
N THR A 375 -30.91 6.52 23.74
CA THR A 375 -30.31 7.86 23.99
C THR A 375 -28.79 7.81 23.71
N GLU A 376 -28.16 6.63 23.74
CA GLU A 376 -26.73 6.48 23.35
C GLU A 376 -26.63 6.66 21.83
N GLU A 377 -27.53 6.04 21.07
CA GLU A 377 -27.61 6.20 19.58
C GLU A 377 -27.63 7.70 19.21
N ILE A 378 -28.49 8.47 19.86
CA ILE A 378 -28.67 9.92 19.52
C ILE A 378 -27.39 10.67 19.93
N ALA A 379 -26.76 10.27 21.04
CA ALA A 379 -25.48 10.83 21.53
C ALA A 379 -24.35 10.57 20.51
N VAL A 380 -24.22 9.33 20.02
CA VAL A 380 -23.24 8.91 18.98
C VAL A 380 -23.51 9.72 17.71
N LYS A 381 -24.77 9.80 17.26
CA LYS A 381 -25.14 10.57 16.03
C LYS A 381 -24.72 12.03 16.23
N ASN A 382 -25.00 12.55 17.44
CA ASN A 382 -24.77 13.99 17.78
C ASN A 382 -23.27 14.29 17.85
N TRP A 383 -22.50 13.36 18.42
CA TRP A 383 -21.01 13.45 18.46
C TRP A 383 -20.49 13.61 17.00
N LEU A 384 -20.89 12.68 16.14
CA LEU A 384 -20.49 12.64 14.71
C LEU A 384 -20.77 13.99 14.04
N VAL A 385 -22.01 14.51 14.16
CA VAL A 385 -22.44 15.78 13.53
C VAL A 385 -21.65 16.93 14.14
N ARG A 386 -21.48 16.92 15.46
CA ARG A 386 -20.86 18.05 16.20
C ARG A 386 -19.32 18.05 16.03
N VAL A 387 -18.64 16.90 16.18
CA VAL A 387 -17.14 16.93 16.23
C VAL A 387 -16.48 15.89 15.30
N GLY A 388 -17.27 15.08 14.58
CA GLY A 388 -16.80 13.99 13.70
C GLY A 388 -15.67 14.45 12.78
N ARG A 389 -15.85 15.58 12.10
CA ARG A 389 -14.83 16.06 11.12
C ARG A 389 -13.56 16.47 11.89
N GLU A 390 -13.69 17.09 13.07
CA GLU A 390 -12.51 17.45 13.91
C GLU A 390 -11.75 16.17 14.28
N ARG A 391 -12.47 15.09 14.60
CA ARG A 391 -11.87 13.84 15.12
C ARG A 391 -11.19 13.11 13.95
N LEU A 392 -11.71 13.25 12.73
CA LEU A 392 -11.07 12.66 11.53
C LEU A 392 -9.74 13.38 11.30
N SER A 393 -9.68 14.68 11.52
CA SER A 393 -8.46 15.47 11.25
C SER A 393 -7.38 15.14 12.26
N ARG A 394 -7.68 14.38 13.35
CA ARG A 394 -6.69 14.00 14.38
C ARG A 394 -6.02 12.69 13.97
N MET A 395 -6.32 12.21 12.77
CA MET A 395 -5.82 10.89 12.32
C MET A 395 -5.08 11.00 10.98
N ALA A 396 -4.10 10.13 10.76
CA ALA A 396 -3.49 9.83 9.47
C ALA A 396 -3.65 8.32 9.24
N ILE A 397 -4.38 7.95 8.19
CA ILE A 397 -4.80 6.56 7.93
C ILE A 397 -4.51 6.19 6.46
N SER A 398 -3.67 5.16 6.30
CA SER A 398 -3.25 4.55 5.03
C SER A 398 -3.61 3.07 5.07
N GLY A 399 -4.79 2.70 4.58
CA GLY A 399 -5.23 1.29 4.70
C GLY A 399 -5.26 0.82 6.15
N ASP A 400 -4.56 -0.27 6.48
CA ASP A 400 -4.56 -0.82 7.86
C ASP A 400 -3.64 -0.02 8.77
N ASP A 401 -2.95 0.99 8.26
CA ASP A 401 -1.91 1.71 9.03
C ASP A 401 -2.53 3.00 9.56
N CYS A 402 -2.45 3.28 10.87
CA CYS A 402 -3.02 4.53 11.43
C CYS A 402 -2.07 5.19 12.44
N VAL A 403 -2.24 6.50 12.54
CA VAL A 403 -1.75 7.36 13.65
C VAL A 403 -2.96 8.18 14.11
N VAL A 404 -3.20 8.18 15.42
CA VAL A 404 -4.35 8.88 16.05
C VAL A 404 -3.79 9.76 17.17
N LYS A 405 -4.12 11.06 17.15
CA LYS A 405 -3.89 11.95 18.31
C LYS A 405 -5.24 12.26 18.96
N PRO A 406 -5.68 11.44 19.94
CA PRO A 406 -6.98 11.61 20.56
C PRO A 406 -7.02 12.84 21.46
N LEU A 407 -8.24 13.18 21.86
CA LEU A 407 -8.52 14.33 22.77
C LEU A 407 -7.68 14.19 24.07
N ASP A 408 -7.43 12.98 24.56
CA ASP A 408 -6.63 12.75 25.80
C ASP A 408 -6.23 11.27 25.87
N ASP A 409 -5.54 10.85 26.92
CA ASP A 409 -4.96 9.47 26.95
C ASP A 409 -5.97 8.42 27.45
N ARG A 410 -7.25 8.76 27.69
CA ARG A 410 -8.26 7.69 28.01
C ARG A 410 -8.32 6.68 26.86
N PHE A 411 -8.10 7.11 25.61
CA PHE A 411 -8.01 6.30 24.37
C PHE A 411 -7.12 5.08 24.55
N ALA A 412 -5.96 5.23 25.23
CA ALA A 412 -4.97 4.16 25.48
C ALA A 412 -5.60 2.87 26.06
N SER A 413 -6.58 3.03 26.96
CA SER A 413 -7.26 1.95 27.70
C SER A 413 -8.70 1.78 27.23
N ALA A 414 -9.02 2.25 26.01
CA ALA A 414 -10.37 2.07 25.40
C ALA A 414 -10.28 0.96 24.38
N LEU A 415 -10.50 -0.30 24.81
CA LEU A 415 -10.15 -1.51 24.02
C LEU A 415 -11.37 -2.38 23.71
N THR A 416 -12.54 -2.17 24.32
CA THR A 416 -13.66 -3.15 24.23
C THR A 416 -14.18 -3.18 22.78
N ALA A 417 -14.50 -2.03 22.20
CA ALA A 417 -15.01 -1.92 20.81
C ALA A 417 -13.95 -2.44 19.84
N LEU A 418 -12.69 -2.00 19.99
CA LEU A 418 -11.59 -2.36 19.05
C LEU A 418 -11.42 -3.88 19.03
N ASN A 419 -11.42 -4.51 20.21
CA ASN A 419 -11.24 -5.98 20.35
C ASN A 419 -12.50 -6.67 19.82
N ASP A 420 -13.68 -6.16 20.13
CA ASP A 420 -14.95 -6.83 19.72
C ASP A 420 -15.18 -6.69 18.20
N MET A 421 -14.67 -5.63 17.57
CA MET A 421 -14.76 -5.47 16.08
C MET A 421 -13.78 -6.45 15.41
N GLY A 422 -12.89 -7.10 16.19
CA GLY A 422 -11.89 -8.08 15.70
C GLY A 422 -10.56 -7.45 15.34
N LYS A 423 -10.39 -6.14 15.53
CA LYS A 423 -9.16 -5.39 15.16
C LYS A 423 -8.15 -5.44 16.33
N VAL A 424 -7.73 -6.67 16.65
CA VAL A 424 -6.84 -7.02 17.79
C VAL A 424 -5.44 -6.51 17.45
N ARG A 425 -4.81 -5.80 18.41
CA ARG A 425 -3.49 -5.16 18.23
C ARG A 425 -2.40 -6.24 18.19
N LYS A 426 -1.34 -5.99 17.40
CA LYS A 426 -0.14 -6.83 17.21
C LYS A 426 0.81 -6.67 18.42
N ASP A 427 1.38 -7.75 18.95
CA ASP A 427 2.55 -7.70 19.89
C ASP A 427 2.23 -6.90 21.16
N ILE A 428 1.05 -7.13 21.73
CA ILE A 428 0.61 -6.58 23.05
C ILE A 428 -0.56 -7.44 23.51
N GLN A 429 -0.69 -7.66 24.81
CA GLN A 429 -1.77 -8.53 25.37
C GLN A 429 -3.09 -7.77 25.24
N GLN A 430 -4.15 -8.53 25.03
CA GLN A 430 -5.46 -8.03 24.55
C GLN A 430 -5.93 -6.83 25.37
N TRP A 431 -5.66 -6.80 26.68
CA TRP A 431 -6.31 -5.81 27.60
C TRP A 431 -5.26 -4.86 28.19
N GLU A 432 -4.00 -4.97 27.74
CA GLU A 432 -2.90 -4.06 28.13
C GLU A 432 -3.10 -2.73 27.39
N PRO A 433 -3.03 -1.60 28.11
CA PRO A 433 -3.21 -0.28 27.49
C PRO A 433 -2.15 0.02 26.45
N SER A 434 -2.53 0.71 25.36
CA SER A 434 -1.58 1.09 24.29
C SER A 434 -0.51 1.99 24.88
N ARG A 435 0.73 1.88 24.41
CA ARG A 435 1.78 2.90 24.68
C ARG A 435 1.80 3.88 23.49
N GLY A 436 1.67 5.16 23.78
CA GLY A 436 1.68 6.24 22.79
C GLY A 436 3.07 6.85 22.68
N TRP A 437 3.25 7.70 21.68
CA TRP A 437 4.53 8.39 21.40
C TRP A 437 4.35 9.84 21.82
N ASN A 438 5.34 10.39 22.50
CA ASN A 438 5.33 11.81 22.96
C ASN A 438 5.89 12.74 21.91
N ASP A 439 6.54 12.23 20.86
CA ASP A 439 7.20 13.13 19.87
C ASP A 439 6.84 12.63 18.46
N TRP A 440 6.27 13.49 17.63
CA TRP A 440 5.82 13.13 16.26
C TRP A 440 6.99 12.58 15.43
N THR A 441 8.22 12.94 15.78
CA THR A 441 9.43 12.49 15.05
C THR A 441 9.79 11.04 15.34
N GLN A 442 9.13 10.41 16.32
CA GLN A 442 9.41 9.01 16.72
C GLN A 442 8.27 8.08 16.31
N VAL A 443 7.15 8.63 15.81
CA VAL A 443 5.96 7.84 15.40
C VAL A 443 6.26 7.04 14.14
N PRO A 444 5.99 5.72 14.09
CA PRO A 444 6.10 4.97 12.84
C PRO A 444 4.84 5.19 11.99
N PHE A 445 4.98 5.34 10.67
CA PHE A 445 3.83 5.43 9.73
C PHE A 445 4.31 5.06 8.33
N CYS A 446 3.63 4.13 7.65
CA CYS A 446 3.93 3.72 6.25
C CYS A 446 5.41 3.28 6.14
N SER A 447 5.89 2.56 7.16
CA SER A 447 7.24 1.93 7.27
C SER A 447 8.33 2.99 7.46
N HIS A 448 7.98 4.23 7.78
CA HIS A 448 8.97 5.33 7.99
C HIS A 448 8.83 5.96 9.37
N HIS A 449 9.83 6.77 9.71
CA HIS A 449 9.73 7.89 10.67
C HIS A 449 10.16 9.15 9.94
N PHE A 450 10.06 10.29 10.60
CA PHE A 450 10.21 11.62 9.98
C PHE A 450 11.09 12.49 10.85
N HIS A 451 12.03 13.18 10.21
CA HIS A 451 13.01 14.10 10.83
C HIS A 451 12.64 15.53 10.46
N GLU A 452 12.88 16.46 11.39
CA GLU A 452 12.85 17.92 11.13
C GLU A 452 14.28 18.38 10.83
N LEU A 453 14.52 18.96 9.67
CA LEU A 453 15.89 19.19 9.17
C LEU A 453 15.97 20.66 8.75
N ILE A 454 16.84 21.44 9.38
CA ILE A 454 16.89 22.91 9.13
C ILE A 454 17.99 23.15 8.09
N MET A 455 17.62 23.81 7.00
CA MET A 455 18.54 24.25 5.92
C MET A 455 19.42 25.37 6.46
N LYS A 456 20.65 25.46 5.94
N LYS A 456 20.66 25.46 5.95
CA LYS A 456 21.64 26.51 6.30
CA LYS A 456 21.63 26.52 6.31
C LYS A 456 20.97 27.90 6.21
C LYS A 456 20.93 27.88 6.25
N ASP A 457 19.97 28.06 5.32
CA ASP A 457 19.24 29.33 5.14
C ASP A 457 18.02 29.46 6.08
N GLY A 458 17.85 28.57 7.07
CA GLY A 458 16.79 28.71 8.08
C GLY A 458 15.49 28.00 7.72
N ARG A 459 15.25 27.63 6.46
CA ARG A 459 13.95 27.03 6.07
C ARG A 459 13.92 25.56 6.59
N VAL A 460 12.73 25.06 6.82
CA VAL A 460 12.49 23.77 7.53
C VAL A 460 11.99 22.70 6.56
N LEU A 461 12.74 21.59 6.46
CA LEU A 461 12.31 20.37 5.74
C LEU A 461 11.83 19.31 6.75
N VAL A 462 10.72 18.66 6.45
CA VAL A 462 10.30 17.45 7.21
C VAL A 462 10.46 16.29 6.26
N VAL A 463 11.42 15.42 6.55
CA VAL A 463 11.92 14.40 5.60
C VAL A 463 11.58 12.99 6.07
N PRO A 464 11.29 12.08 5.12
CA PRO A 464 11.05 10.66 5.42
C PRO A 464 12.35 9.87 5.65
N CYS A 465 12.30 8.87 6.54
CA CYS A 465 13.53 8.11 6.90
C CYS A 465 13.15 6.67 7.28
N ARG A 466 14.03 5.72 7.02
CA ARG A 466 13.94 4.39 7.66
C ARG A 466 15.32 3.79 7.72
N ASN A 467 15.46 2.70 8.46
CA ASN A 467 16.79 2.08 8.64
C ASN A 467 17.43 1.91 7.25
N GLN A 468 18.66 2.33 7.07
CA GLN A 468 19.30 2.41 5.72
C GLN A 468 19.56 1.00 5.18
N ASP A 469 19.73 0.00 6.05
CA ASP A 469 19.91 -1.40 5.56
C ASP A 469 18.68 -1.83 4.77
N GLU A 470 17.48 -1.40 5.19
CA GLU A 470 16.23 -1.76 4.49
C GLU A 470 16.22 -1.10 3.10
N LEU A 471 16.65 0.16 2.99
CA LEU A 471 16.63 0.88 1.70
C LEU A 471 17.62 0.23 0.71
N ILE A 472 18.84 -0.01 1.18
CA ILE A 472 19.87 -0.59 0.31
C ILE A 472 19.52 -2.03 -0.09
N GLY A 473 19.04 -2.81 0.86
CA GLY A 473 18.63 -4.22 0.61
C GLY A 473 17.50 -4.31 -0.42
N ARG A 474 16.54 -3.39 -0.38
CA ARG A 474 15.39 -3.38 -1.35
C ARG A 474 15.89 -2.98 -2.75
N ALA A 475 16.77 -1.98 -2.87
CA ALA A 475 17.28 -1.48 -4.18
C ALA A 475 18.14 -2.57 -4.86
N ARG A 476 18.68 -3.52 -4.09
CA ARG A 476 19.52 -4.61 -4.64
C ARG A 476 18.67 -5.78 -5.18
N ILE A 477 17.35 -5.67 -5.14
CA ILE A 477 16.44 -6.77 -5.53
C ILE A 477 15.61 -6.36 -6.75
N SER A 478 15.46 -7.29 -7.69
N SER A 478 15.45 -7.28 -7.71
CA SER A 478 14.53 -7.22 -8.83
CA SER A 478 14.51 -7.16 -8.86
C SER A 478 13.50 -8.35 -8.68
C SER A 478 13.64 -8.41 -8.94
N GLN A 479 12.38 -8.25 -9.39
CA GLN A 479 11.36 -9.33 -9.48
C GLN A 479 11.17 -9.70 -10.95
N GLY A 480 11.03 -10.99 -11.25
CA GLY A 480 10.74 -11.50 -12.61
C GLY A 480 11.98 -11.79 -13.44
N ALA A 481 11.76 -12.43 -14.60
CA ALA A 481 12.79 -12.99 -15.50
C ALA A 481 12.97 -12.09 -16.73
N GLY A 482 14.02 -12.37 -17.51
CA GLY A 482 14.25 -11.78 -18.85
C GLY A 482 14.72 -10.34 -18.77
N TRP A 483 15.32 -9.92 -17.65
CA TRP A 483 15.87 -8.54 -17.57
C TRP A 483 17.15 -8.42 -18.41
N SER A 484 17.13 -7.55 -19.40
CA SER A 484 18.37 -7.14 -20.11
C SER A 484 19.27 -6.37 -19.13
N LEU A 485 20.54 -6.10 -19.49
CA LEU A 485 21.45 -5.22 -18.71
C LEU A 485 20.88 -3.79 -18.69
N ARG A 486 20.42 -3.30 -19.84
CA ARG A 486 19.79 -1.97 -19.92
C ARG A 486 18.59 -1.89 -18.98
N GLU A 487 17.69 -2.87 -18.96
CA GLU A 487 16.50 -2.78 -18.08
C GLU A 487 16.93 -2.80 -16.60
N THR A 488 17.95 -3.60 -16.27
CA THR A 488 18.47 -3.70 -14.88
C THR A 488 19.07 -2.33 -14.49
N ALA A 489 19.82 -1.72 -15.40
CA ALA A 489 20.42 -0.39 -15.17
C ALA A 489 19.32 0.66 -14.95
N CYS A 490 18.21 0.61 -15.71
CA CYS A 490 17.15 1.64 -15.62
C CYS A 490 16.40 1.47 -14.28
N LEU A 491 16.24 0.24 -13.80
CA LEU A 491 15.67 0.01 -12.44
C LEU A 491 16.61 0.55 -11.36
N GLY A 492 17.92 0.34 -11.48
CA GLY A 492 18.86 0.93 -10.52
C GLY A 492 18.73 2.43 -10.49
N LYS A 493 18.56 3.03 -11.66
CA LYS A 493 18.43 4.49 -11.80
C LYS A 493 17.14 4.96 -11.14
N SER A 494 16.04 4.21 -11.25
CA SER A 494 14.78 4.55 -10.53
C SER A 494 15.07 4.61 -9.02
N TYR A 495 15.74 3.62 -8.44
CA TYR A 495 16.06 3.62 -6.97
C TYR A 495 16.94 4.84 -6.65
N ALA A 496 17.97 5.08 -7.46
CA ALA A 496 18.93 6.20 -7.26
C ALA A 496 18.17 7.52 -7.21
N GLN A 497 17.30 7.79 -8.19
CA GLN A 497 16.54 9.07 -8.24
C GLN A 497 15.55 9.17 -7.04
N MET A 498 14.91 8.06 -6.63
CA MET A 498 14.06 8.07 -5.41
C MET A 498 14.94 8.48 -4.22
N TRP A 499 16.13 7.94 -4.11
CA TRP A 499 17.03 8.30 -2.99
C TRP A 499 17.40 9.80 -3.02
N SER A 500 17.70 10.37 -4.20
N SER A 500 17.68 10.38 -4.20
CA SER A 500 18.08 11.79 -4.36
CA SER A 500 18.10 11.81 -4.33
C SER A 500 16.93 12.69 -3.89
C SER A 500 16.93 12.75 -4.01
N LEU A 501 15.68 12.27 -4.16
CA LEU A 501 14.48 13.09 -3.85
C LEU A 501 13.97 12.91 -2.40
N MET A 502 13.96 11.70 -1.88
CA MET A 502 13.34 11.38 -0.57
C MET A 502 14.41 11.26 0.53
N TYR A 503 15.61 10.74 0.21
CA TYR A 503 16.60 10.32 1.23
C TYR A 503 17.95 11.05 1.03
N PHE A 504 17.93 12.22 0.39
CA PHE A 504 19.11 13.08 0.11
C PHE A 504 19.89 13.38 1.40
N HIS A 505 19.19 13.33 2.54
CA HIS A 505 19.70 13.68 3.90
C HIS A 505 20.55 12.55 4.50
N ARG A 506 20.61 11.38 3.86
CA ARG A 506 21.42 10.21 4.31
C ARG A 506 22.72 10.24 3.49
N ARG A 507 23.86 10.50 4.13
CA ARG A 507 25.16 10.65 3.47
C ARG A 507 25.38 9.50 2.47
N ASP A 508 25.21 8.25 2.88
CA ASP A 508 25.57 7.09 2.04
C ASP A 508 24.64 7.05 0.81
N LEU A 509 23.37 7.43 0.97
CA LEU A 509 22.40 7.26 -0.13
C LEU A 509 22.62 8.39 -1.13
N ARG A 510 22.98 9.60 -0.68
CA ARG A 510 23.21 10.67 -1.66
C ARG A 510 24.43 10.30 -2.50
N LEU A 511 25.49 9.78 -1.86
CA LEU A 511 26.71 9.35 -2.58
C LEU A 511 26.38 8.18 -3.52
N ALA A 512 25.68 7.16 -3.05
CA ALA A 512 25.37 5.97 -3.90
C ALA A 512 24.43 6.39 -5.06
N ALA A 513 23.48 7.27 -4.82
CA ALA A 513 22.56 7.76 -5.88
C ALA A 513 23.36 8.48 -6.96
N ASN A 514 24.25 9.37 -6.56
CA ASN A 514 25.15 10.07 -7.52
C ASN A 514 25.99 9.05 -8.30
N ALA A 515 26.55 8.05 -7.63
CA ALA A 515 27.36 7.00 -8.28
C ALA A 515 26.51 6.25 -9.33
N ILE A 516 25.31 5.79 -8.98
CA ILE A 516 24.45 5.00 -9.92
C ILE A 516 24.09 5.90 -11.12
N CYS A 517 23.71 7.17 -10.88
CA CYS A 517 23.31 8.09 -11.97
C CYS A 517 24.53 8.43 -12.85
N SER A 518 25.74 8.31 -12.32
CA SER A 518 26.98 8.54 -13.11
C SER A 518 27.31 7.29 -13.93
N ALA A 519 26.87 6.12 -13.47
CA ALA A 519 27.20 4.79 -14.04
C ALA A 519 26.23 4.34 -15.13
N VAL A 520 25.02 4.89 -15.15
CA VAL A 520 23.96 4.55 -16.11
C VAL A 520 23.92 5.66 -17.16
N PRO A 521 23.79 5.34 -18.46
CA PRO A 521 23.77 6.39 -19.48
C PRO A 521 22.75 7.49 -19.14
N SER A 522 23.16 8.75 -19.31
N SER A 522 23.16 8.75 -19.33
CA SER A 522 22.41 9.97 -18.89
CA SER A 522 22.45 9.99 -18.95
C SER A 522 20.97 9.97 -19.43
C SER A 522 20.99 9.99 -19.44
N HIS A 523 20.76 9.56 -20.69
CA HIS A 523 19.42 9.65 -21.34
C HIS A 523 18.56 8.40 -21.16
N TRP A 524 19.06 7.34 -20.56
CA TRP A 524 18.23 6.12 -20.30
C TRP A 524 17.17 6.41 -19.24
N VAL A 525 15.96 5.95 -19.50
CA VAL A 525 14.74 6.32 -18.78
C VAL A 525 14.55 5.36 -17.62
N PRO A 526 14.38 5.86 -16.38
CA PRO A 526 14.08 4.98 -15.26
C PRO A 526 12.80 4.15 -15.45
N THR A 527 12.84 2.87 -15.05
CA THR A 527 11.69 1.93 -15.17
C THR A 527 11.43 1.17 -13.87
N SER A 528 10.25 0.57 -13.82
CA SER A 528 9.73 -0.33 -12.76
C SER A 528 8.87 -1.39 -13.47
N ARG A 529 8.42 -2.45 -12.77
CA ARG A 529 7.44 -3.43 -13.31
C ARG A 529 6.14 -3.44 -12.48
N THR A 530 6.12 -2.84 -11.28
CA THR A 530 4.90 -2.47 -10.52
C THR A 530 5.05 -1.03 -9.99
N THR A 531 4.22 -0.11 -10.48
CA THR A 531 4.26 1.35 -10.18
C THR A 531 3.17 1.69 -9.14
N ALA A 536 1.48 6.66 -2.71
CA ALA A 536 2.68 7.48 -3.04
C ALA A 536 2.48 8.20 -4.39
N THR A 537 3.38 9.12 -4.72
CA THR A 537 3.48 9.83 -6.02
C THR A 537 4.95 9.77 -6.45
N HIS A 538 5.23 9.24 -7.65
N HIS A 538 5.17 9.34 -7.71
CA HIS A 538 6.59 8.82 -8.10
CA HIS A 538 6.46 8.84 -8.28
C HIS A 538 7.24 9.92 -8.95
C HIS A 538 7.21 9.97 -9.01
N GLU A 539 7.57 11.04 -8.30
CA GLU A 539 8.22 12.21 -8.94
C GLU A 539 9.64 11.90 -9.43
N TRP A 540 10.27 10.80 -8.96
CA TRP A 540 11.63 10.39 -9.40
C TRP A 540 11.60 9.66 -10.75
N MET A 541 10.41 9.33 -11.27
CA MET A 541 10.29 8.55 -12.52
C MET A 541 10.24 9.55 -13.69
N THR A 542 11.40 10.04 -14.11
CA THR A 542 11.58 11.17 -15.05
C THR A 542 13.02 11.21 -15.51
N THR A 543 13.31 11.83 -16.66
CA THR A 543 14.68 12.14 -17.16
C THR A 543 15.02 13.61 -16.89
N GLU A 544 14.12 14.39 -16.32
CA GLU A 544 14.43 15.77 -15.87
C GLU A 544 15.58 15.73 -14.85
N ASP A 545 16.36 16.79 -14.81
CA ASP A 545 17.48 16.99 -13.87
C ASP A 545 16.94 16.89 -12.44
N MET A 546 17.58 16.11 -11.56
CA MET A 546 17.03 15.83 -10.20
C MET A 546 17.07 17.09 -9.34
N LEU A 547 17.98 18.04 -9.57
CA LEU A 547 17.96 19.29 -8.77
C LEU A 547 16.67 20.07 -9.08
N THR A 548 16.24 20.13 -10.35
CA THR A 548 15.01 20.84 -10.78
C THR A 548 13.80 20.16 -10.13
N VAL A 549 13.77 18.83 -10.12
CA VAL A 549 12.66 18.06 -9.49
C VAL A 549 12.69 18.30 -7.98
N TRP A 550 13.86 18.35 -7.35
CA TRP A 550 13.98 18.59 -5.89
C TRP A 550 13.37 19.97 -5.57
N ASN A 551 13.72 21.00 -6.35
CA ASN A 551 13.20 22.36 -6.13
C ASN A 551 11.67 22.37 -6.29
N ARG A 552 11.13 21.66 -7.29
CA ARG A 552 9.67 21.65 -7.51
C ARG A 552 8.98 21.03 -6.29
N VAL A 553 9.46 19.87 -5.83
CA VAL A 553 8.78 19.05 -4.79
C VAL A 553 8.94 19.71 -3.41
N TRP A 554 10.16 20.13 -3.04
CA TRP A 554 10.49 20.55 -1.67
C TRP A 554 10.30 22.06 -1.48
N ILE A 555 10.31 22.88 -2.57
CA ILE A 555 10.20 24.36 -2.44
C ILE A 555 8.91 24.79 -3.13
N GLN A 556 8.86 24.74 -4.47
CA GLN A 556 7.80 25.41 -5.29
C GLN A 556 6.42 24.91 -4.86
N GLU A 557 6.20 23.59 -4.85
CA GLU A 557 4.86 22.97 -4.67
C GLU A 557 4.60 22.60 -3.19
N ASN A 558 5.54 22.91 -2.31
CA ASN A 558 5.47 22.51 -0.87
C ASN A 558 4.60 23.52 -0.11
N PRO A 559 3.36 23.20 0.26
CA PRO A 559 2.51 24.18 0.92
C PRO A 559 2.98 24.57 2.32
N TRP A 560 3.94 23.85 2.92
CA TRP A 560 4.50 24.23 4.25
C TRP A 560 5.73 25.16 4.15
N MET A 561 6.16 25.54 2.96
CA MET A 561 7.39 26.37 2.70
C MET A 561 6.90 27.74 2.16
N GLU A 562 6.92 28.77 2.98
CA GLU A 562 6.44 30.12 2.59
C GLU A 562 7.43 30.77 1.61
N ASP A 563 8.73 30.72 1.90
CA ASP A 563 9.79 31.34 1.05
C ASP A 563 10.10 30.42 -0.13
N LYS A 564 9.87 30.88 -1.35
CA LYS A 564 9.95 30.05 -2.58
C LYS A 564 11.31 30.25 -3.29
N THR A 565 12.32 30.80 -2.62
CA THR A 565 13.66 31.01 -3.23
C THR A 565 14.20 29.65 -3.67
N PRO A 566 14.48 29.45 -4.98
CA PRO A 566 15.02 28.18 -5.47
C PRO A 566 16.39 27.88 -4.86
N VAL A 567 16.72 26.61 -4.72
CA VAL A 567 18.07 26.14 -4.33
C VAL A 567 18.90 26.05 -5.61
N GLU A 568 20.14 26.53 -5.63
CA GLU A 568 20.97 26.64 -6.87
C GLU A 568 21.92 25.44 -7.00
N SER A 569 22.20 24.71 -5.92
CA SER A 569 23.11 23.55 -5.97
C SER A 569 22.79 22.55 -4.86
N TRP A 570 23.20 21.30 -5.07
CA TRP A 570 23.00 20.23 -4.08
C TRP A 570 23.69 20.59 -2.75
N GLU A 571 24.76 21.39 -2.75
CA GLU A 571 25.48 21.73 -1.49
C GLU A 571 24.61 22.57 -0.54
N GLU A 572 23.60 23.28 -1.03
CA GLU A 572 22.62 24.00 -0.17
C GLU A 572 21.66 23.03 0.56
N ILE A 573 21.61 21.77 0.15
CA ILE A 573 20.59 20.80 0.62
C ILE A 573 21.25 20.01 1.76
N PRO A 574 20.72 20.10 2.99
CA PRO A 574 21.39 19.54 4.16
C PRO A 574 21.29 18.01 4.32
N TYR A 575 22.10 17.49 5.23
CA TYR A 575 22.11 16.10 5.75
C TYR A 575 21.58 16.11 7.20
N LEU A 576 21.09 14.97 7.68
CA LEU A 576 20.92 14.71 9.13
C LEU A 576 22.25 15.01 9.83
N GLY A 577 22.22 15.28 11.14
CA GLY A 577 23.42 15.19 11.99
C GLY A 577 24.18 13.90 11.72
N LYS A 578 25.50 13.94 11.81
CA LYS A 578 26.32 12.72 11.59
C LYS A 578 25.92 11.61 12.57
N ARG A 579 25.67 11.93 13.83
CA ARG A 579 25.31 10.89 14.82
C ARG A 579 23.91 10.34 14.50
N GLU A 580 22.95 11.20 14.17
CA GLU A 580 21.59 10.75 13.75
C GLU A 580 21.66 9.84 12.50
N ASP A 581 22.55 10.13 11.57
CA ASP A 581 22.72 9.35 10.31
C ASP A 581 23.22 7.95 10.71
N GLN A 582 24.17 7.89 11.65
CA GLN A 582 24.66 6.59 12.18
C GLN A 582 23.52 5.84 12.89
N TRP A 583 22.75 6.52 13.75
CA TRP A 583 21.58 5.92 14.45
C TRP A 583 20.62 5.25 13.45
N CYS A 584 20.40 5.87 12.28
CA CYS A 584 19.46 5.35 11.27
C CYS A 584 20.18 4.44 10.25
N GLY A 585 21.41 3.98 10.53
CA GLY A 585 22.09 2.86 9.85
C GLY A 585 23.25 3.27 8.96
N SER A 586 23.67 4.55 8.92
CA SER A 586 24.82 5.00 8.09
C SER A 586 26.07 4.20 8.45
N LEU A 587 26.92 3.96 7.44
CA LEU A 587 28.27 3.39 7.63
C LEU A 587 29.34 4.47 7.74
N ILE A 588 28.95 5.76 7.75
CA ILE A 588 29.92 6.89 7.90
C ILE A 588 30.75 6.60 9.16
N GLY A 589 32.08 6.66 9.05
CA GLY A 589 32.98 6.33 10.18
C GLY A 589 33.69 5.00 10.02
N LEU A 590 33.17 4.08 9.21
CA LEU A 590 33.79 2.73 8.99
C LEU A 590 34.82 2.82 7.86
N THR A 591 35.91 2.06 8.01
CA THR A 591 37.00 1.95 7.01
C THR A 591 36.45 1.44 5.66
N SER A 592 35.59 0.43 5.65
CA SER A 592 34.93 -0.05 4.40
C SER A 592 34.28 1.14 3.65
N ARG A 593 33.59 2.02 4.36
CA ARG A 593 32.78 3.11 3.75
C ARG A 593 33.76 4.17 3.23
N ALA A 594 34.79 4.51 4.00
CA ALA A 594 35.82 5.50 3.58
C ALA A 594 36.50 5.05 2.27
N THR A 595 36.85 3.77 2.15
CA THR A 595 37.52 3.27 0.93
C THR A 595 36.54 3.33 -0.25
N TRP A 596 35.31 2.91 -0.02
CA TRP A 596 34.25 2.99 -1.07
C TRP A 596 34.13 4.44 -1.56
N ALA A 597 33.95 5.41 -0.67
CA ALA A 597 33.73 6.83 -1.07
C ALA A 597 34.95 7.36 -1.84
N LYS A 598 36.14 7.13 -1.29
CA LYS A 598 37.41 7.65 -1.89
C LYS A 598 37.61 7.07 -3.30
N ASN A 599 37.33 5.79 -3.50
CA ASN A 599 37.56 5.07 -4.78
C ASN A 599 36.29 4.98 -5.64
N ILE A 600 35.30 5.83 -5.43
CA ILE A 600 33.96 5.63 -6.09
C ILE A 600 34.07 5.65 -7.64
N GLN A 601 34.98 6.47 -8.18
N GLN A 601 34.99 6.46 -8.19
CA GLN A 601 35.14 6.61 -9.65
CA GLN A 601 35.12 6.60 -9.66
C GLN A 601 35.53 5.25 -10.26
C GLN A 601 35.54 5.25 -10.27
N THR A 602 36.32 4.45 -9.52
CA THR A 602 36.72 3.08 -9.95
C THR A 602 35.50 2.14 -10.03
N ALA A 603 34.54 2.27 -9.11
CA ALA A 603 33.29 1.47 -9.14
C ALA A 603 32.43 1.91 -10.29
N ILE A 604 32.27 3.22 -10.44
CA ILE A 604 31.47 3.82 -11.53
C ILE A 604 32.03 3.32 -12.87
N ASN A 605 33.36 3.32 -13.02
CA ASN A 605 34.03 2.90 -14.28
C ASN A 605 33.84 1.40 -14.51
N GLN A 606 33.79 0.57 -13.47
CA GLN A 606 33.52 -0.87 -13.62
C GLN A 606 32.16 -1.07 -14.29
N VAL A 607 31.13 -0.40 -13.77
CA VAL A 607 29.75 -0.53 -14.32
C VAL A 607 29.71 0.06 -15.75
N ARG A 608 30.34 1.22 -16.00
CA ARG A 608 30.37 1.83 -17.36
C ARG A 608 31.01 0.86 -18.36
N SER A 609 32.10 0.20 -17.98
CA SER A 609 32.78 -0.82 -18.82
C SER A 609 31.84 -1.99 -19.14
N LEU A 610 30.98 -2.40 -18.21
CA LEU A 610 30.06 -3.54 -18.47
C LEU A 610 28.97 -3.09 -19.45
N ILE A 611 28.42 -1.89 -19.25
CA ILE A 611 27.29 -1.38 -20.07
C ILE A 611 27.83 -1.05 -21.47
N GLY A 612 29.04 -0.49 -21.56
CA GLY A 612 29.75 -0.23 -22.83
C GLY A 612 29.84 1.24 -23.18
N ASN A 613 30.05 1.54 -24.46
CA ASN A 613 30.45 2.89 -24.92
C ASN A 613 29.18 3.73 -25.20
N GLU A 614 28.71 4.43 -24.18
CA GLU A 614 27.41 5.11 -24.11
C GLU A 614 27.73 6.53 -23.65
N GLU A 615 26.77 7.43 -23.67
CA GLU A 615 26.98 8.81 -23.13
C GLU A 615 26.62 8.77 -21.65
N TYR A 616 27.58 9.13 -20.81
CA TYR A 616 27.48 9.22 -19.33
C TYR A 616 27.75 10.67 -18.89
N THR A 617 27.21 11.04 -17.74
CA THR A 617 27.47 12.33 -17.01
C THR A 617 28.14 12.01 -15.66
N ASP A 618 29.14 12.78 -15.24
CA ASP A 618 29.72 12.65 -13.88
C ASP A 618 28.91 13.54 -12.91
N TYR A 619 28.12 12.94 -12.03
CA TYR A 619 27.37 13.68 -10.99
C TYR A 619 28.17 13.79 -9.69
N MET A 620 29.35 13.18 -9.53
CA MET A 620 30.04 13.18 -8.21
C MET A 620 30.47 14.61 -7.80
N PRO A 621 30.91 15.53 -8.70
CA PRO A 621 31.25 16.90 -8.29
C PRO A 621 30.12 17.82 -7.77
N SER A 622 28.85 17.39 -7.85
CA SER A 622 27.68 17.98 -7.14
C SER A 622 27.85 17.85 -5.61
N MET A 623 28.80 17.02 -5.15
CA MET A 623 29.14 16.87 -3.69
C MET A 623 30.46 17.61 -3.42
N LYS A 624 30.53 18.35 -2.32
CA LYS A 624 31.72 19.17 -1.92
C LYS A 624 33.02 18.36 -2.04
N ARG A 625 33.07 17.14 -1.53
CA ARG A 625 34.34 16.35 -1.41
C ARG A 625 34.89 15.91 -2.78
N PHE A 626 34.08 15.85 -3.85
CA PHE A 626 34.55 15.47 -5.22
C PHE A 626 34.71 16.73 -6.07
N ARG A 627 34.15 17.86 -5.62
CA ARG A 627 34.30 19.17 -6.29
C ARG A 627 35.76 19.59 -6.05
N ARG A 628 36.70 18.96 -6.77
CA ARG A 628 38.17 18.99 -6.53
C ARG A 628 38.45 18.48 -5.11
ZN ZN B . 15.94 8.34 10.59
ZN ZN C . -18.73 -12.69 -11.75
O1 MES D . 26.16 -8.15 -15.98
O1 MES D . 25.82 -7.90 -15.71
C2 MES D . 27.06 -9.16 -15.56
C2 MES D . 26.82 -8.82 -15.30
C3 MES D . 26.69 -9.66 -14.20
C3 MES D . 26.83 -8.99 -13.81
N4 MES D . 26.78 -8.53 -13.21
N4 MES D . 27.08 -7.66 -13.15
C5 MES D . 25.91 -7.41 -13.67
C5 MES D . 26.05 -6.70 -13.62
C6 MES D . 26.21 -7.03 -15.09
C6 MES D . 26.07 -6.63 -15.13
C7 MES D . 26.41 -8.97 -11.83
C7 MES D . 27.09 -7.78 -11.65
C8 MES D . 27.06 -8.11 -10.77
C8 MES D . 26.34 -8.98 -11.12
S MES D . 26.78 -8.76 -9.14
S MES D . 26.61 -9.24 -9.38
O1S MES D . 27.55 -9.92 -9.03
O1S MES D . 27.71 -8.39 -9.02
O2S MES D . 27.17 -7.67 -8.27
O2S MES D . 25.39 -8.87 -8.73
O3S MES D . 25.34 -8.97 -9.05
O3S MES D . 26.92 -10.64 -9.23
S DMS E . 21.97 12.68 -9.76
O DMS E . 22.04 14.14 -9.19
C1 DMS E . 20.67 12.66 -10.93
C2 DMS E . 21.14 11.79 -8.46
S DMS F . 26.63 20.40 2.77
O DMS F . 25.20 20.10 2.41
C1 DMS F . 27.65 19.64 1.52
C2 DMS F . 27.04 19.33 4.12
S DMS G . 11.23 2.16 -7.30
O DMS G . 10.45 2.93 -8.34
C1 DMS G . 10.31 2.40 -5.81
C2 DMS G . 12.59 3.17 -6.89
P PO4 H . 1.46 2.04 12.59
O1 PO4 H . 2.41 1.48 13.82
O2 PO4 H . -0.13 1.83 12.98
O3 PO4 H . 1.69 3.59 12.25
O4 PO4 H . 1.86 1.26 11.39
P PO4 I . -29.18 -1.31 -1.08
O1 PO4 I . -28.52 -2.54 -0.37
O2 PO4 I . -29.72 -0.29 -0.06
O3 PO4 I . -28.12 -0.60 -1.96
O4 PO4 I . -30.37 -1.82 -1.96
C1 PEG J . -1.84 21.72 4.31
O1 PEG J . -1.91 22.01 2.93
C2 PEG J . -1.74 22.95 5.13
O2 PEG J . -0.58 23.68 4.74
C3 PEG J . -0.57 25.04 5.18
C4 PEG J . 0.24 25.17 6.44
O4 PEG J . 1.19 26.21 6.36
N1 A1BDF K . -17.77 17.89 -6.55
C4 A1BDF K . -15.73 18.86 -7.45
C5 A1BDF K . -16.74 17.74 -7.39
C6 A1BDF K . -18.66 16.89 -6.57
C7 A1BDF K . -17.56 15.67 -8.12
C8 A1BDF K . -16.58 16.63 -8.22
N A1BDF K . -14.31 17.20 -8.51
C A1BDF K . -15.27 18.82 -9.94
C1 A1BDF K . -15.74 17.41 -10.39
C2 A1BDF K . -15.42 16.52 -9.19
C3 A1BDF K . -14.68 18.63 -8.53
N2 A1BDF K . -18.62 15.78 -7.31
#